data_5G1X
#
_entry.id   5G1X
#
_cell.length_a   86.520
_cell.length_b   86.520
_cell.length_c   92.210
_cell.angle_alpha   90.00
_cell.angle_beta   90.00
_cell.angle_gamma   120.00
#
_symmetry.space_group_name_H-M   'P 32 2 1'
#
loop_
_entity.id
_entity.type
_entity.pdbx_description
1 polymer 'AURORA KINASE A'
2 polymer 'N-MYC PROTO-ONCOGENE PROTEIN'
3 non-polymer "ADENOSINE-5'-DIPHOSPHATE"
4 non-polymer 'MAGNESIUM ION'
5 water water
#
loop_
_entity_poly.entity_id
_entity_poly.type
_entity_poly.pdbx_seq_one_letter_code
_entity_poly.pdbx_strand_id
1 'polypeptide(L)'
;GAMESKKRQWALEDFEIGRPLGKGKFGNVYLAREKQSKFILALKVLFKAQLEKAGVEHQLRREVEIQSHLRHPNILRLYG
YFHDATRVYLILEYAPLGTVYRELQKLSKFDEQRTATYITELANALSYCHSKRVIHRDIKPENLLLGSAGELKIADFGWS
VHAPSSRRT(TPO)LAGTLDYLPPEMIEGRMHDEKVDLWSLGVLCYEFLVGKPPFEANTYQETYKRISRVEFTFPDFVTE
GARDLISRLLKHNPSQRPMLREVLEHPWITANSSKPSNAQNKESASKQS
;
A
2 'polypeptide(L)' SFYPDEDDFYFGGPDSTPPGEDIWKKFELLPTPPLSPSRGFAEHSSEPPSWVTEMLLENELWG B
#
# COMPACT_ATOMS: atom_id res chain seq x y z
C ARG A 8 -24.27 -14.31 -9.85
N GLN A 9 -24.15 -13.86 -11.09
CA GLN A 9 -23.27 -12.75 -11.42
C GLN A 9 -23.87 -11.43 -10.93
N TRP A 10 -23.05 -10.64 -10.25
CA TRP A 10 -23.47 -9.30 -9.85
C TRP A 10 -23.68 -8.43 -11.07
N ALA A 11 -24.51 -7.41 -10.92
CA ALA A 11 -24.68 -6.40 -11.94
C ALA A 11 -24.99 -5.09 -11.23
N LEU A 12 -24.92 -4.00 -11.97
CA LEU A 12 -25.08 -2.67 -11.40
C LEU A 12 -26.46 -2.54 -10.76
N GLU A 13 -27.44 -3.21 -11.35
CA GLU A 13 -28.82 -3.14 -10.89
C GLU A 13 -29.04 -3.73 -9.50
N ASP A 14 -28.03 -4.43 -8.98
CA ASP A 14 -28.08 -4.98 -7.62
C ASP A 14 -27.75 -3.94 -6.56
N PHE A 15 -27.41 -2.73 -6.99
CA PHE A 15 -26.88 -1.72 -6.06
C PHE A 15 -27.56 -0.38 -6.14
N GLU A 16 -27.74 0.23 -4.97
CA GLU A 16 -28.02 1.65 -4.86
C GLU A 16 -26.67 2.36 -4.79
N ILE A 17 -26.56 3.52 -5.42
CA ILE A 17 -25.29 4.24 -5.45
C ILE A 17 -25.41 5.57 -4.71
N GLY A 18 -24.37 5.91 -3.95
CA GLY A 18 -24.29 7.17 -3.23
C GLY A 18 -23.10 8.00 -3.66
N ARG A 19 -22.60 8.82 -2.75
CA ARG A 19 -21.53 9.79 -3.04
C ARG A 19 -20.20 9.10 -3.33
N PRO A 20 -19.34 9.77 -4.13
CA PRO A 20 -17.95 9.30 -4.26
C PRO A 20 -17.25 9.35 -2.92
N LEU A 21 -16.49 8.30 -2.63
CA LEU A 21 -15.73 8.17 -1.40
C LEU A 21 -14.29 8.60 -1.60
N GLY A 22 -13.79 8.39 -2.80
CA GLY A 22 -12.42 8.75 -3.12
C GLY A 22 -12.19 8.64 -4.61
N LYS A 23 -11.03 9.08 -5.05
CA LYS A 23 -10.69 9.08 -6.43
C LYS A 23 -9.52 8.17 -6.70
N GLY A 24 -9.69 7.24 -7.63
CA GLY A 24 -8.62 6.35 -8.00
C GLY A 24 -8.05 6.74 -9.35
N LYS A 25 -7.02 6.01 -9.78
CA LYS A 25 -6.34 6.33 -11.03
C LYS A 25 -7.26 6.12 -12.23
N PHE A 26 -8.07 5.07 -12.19
CA PHE A 26 -8.88 4.70 -13.34
C PHE A 26 -10.37 4.94 -13.14
N GLY A 27 -10.73 5.59 -12.06
CA GLY A 27 -12.13 5.88 -11.80
C GLY A 27 -12.34 6.14 -10.32
N ASN A 28 -13.55 6.57 -9.97
CA ASN A 28 -13.84 6.86 -8.57
C ASN A 28 -14.26 5.61 -7.81
N VAL A 29 -14.20 5.70 -6.50
CA VAL A 29 -14.78 4.70 -5.61
C VAL A 29 -16.06 5.29 -5.02
N TYR A 30 -17.17 4.57 -5.12
CA TYR A 30 -18.47 5.09 -4.71
C TYR A 30 -19.06 4.38 -3.52
N LEU A 31 -19.75 5.14 -2.67
CA LEU A 31 -20.59 4.52 -1.65
C LEU A 31 -21.71 3.75 -2.34
N ALA A 32 -22.00 2.55 -1.87
CA ALA A 32 -23.06 1.76 -2.48
C ALA A 32 -23.78 0.92 -1.45
N ARG A 33 -24.91 0.35 -1.85
CA ARG A 33 -25.70 -0.45 -0.94
C ARG A 33 -26.34 -1.60 -1.71
N GLU A 34 -26.18 -2.82 -1.23
CA GLU A 34 -26.80 -3.95 -1.90
C GLU A 34 -28.29 -3.87 -1.63
N LYS A 35 -29.09 -3.94 -2.69
CA LYS A 35 -30.52 -3.59 -2.61
C LYS A 35 -31.36 -4.48 -1.71
N GLN A 36 -31.07 -5.79 -1.70
CA GLN A 36 -31.88 -6.73 -0.94
C GLN A 36 -31.59 -6.66 0.56
N SER A 37 -30.31 -6.62 0.91
CA SER A 37 -29.89 -6.67 2.31
C SER A 37 -29.72 -5.30 2.94
N LYS A 38 -29.69 -4.26 2.11
CA LYS A 38 -29.39 -2.89 2.53
C LYS A 38 -27.97 -2.75 3.10
N PHE A 39 -27.12 -3.73 2.82
CA PHE A 39 -25.75 -3.73 3.32
C PHE A 39 -24.91 -2.68 2.60
N ILE A 40 -24.25 -1.82 3.37
CA ILE A 40 -23.43 -0.73 2.82
C ILE A 40 -22.05 -1.23 2.39
N LEU A 41 -21.64 -0.84 1.19
CA LEU A 41 -20.40 -1.29 0.56
C LEU A 41 -19.73 -0.16 -0.19
N ALA A 42 -18.60 -0.47 -0.82
CA ALA A 42 -17.96 0.47 -1.74
C ALA A 42 -17.82 -0.19 -3.12
N LEU A 43 -18.03 0.60 -4.16
CA LEU A 43 -17.87 0.13 -5.54
C LEU A 43 -16.70 0.88 -6.18
N LYS A 44 -15.63 0.15 -6.48
CA LYS A 44 -14.47 0.73 -7.14
C LYS A 44 -14.62 0.58 -8.65
N VAL A 45 -14.67 1.72 -9.34
CA VAL A 45 -14.91 1.73 -10.78
C VAL A 45 -13.61 1.95 -11.55
N LEU A 46 -13.39 1.13 -12.58
CA LEU A 46 -12.26 1.31 -13.48
C LEU A 46 -12.75 1.38 -14.92
N PHE A 47 -12.38 2.44 -15.62
CA PHE A 47 -12.79 2.58 -17.02
C PHE A 47 -11.93 1.71 -17.93
N LYS A 48 -12.60 0.87 -18.71
CA LYS A 48 -11.93 -0.09 -19.59
C LYS A 48 -10.99 0.56 -20.59
N ALA A 49 -11.42 1.69 -21.16
CA ALA A 49 -10.63 2.39 -22.17
C ALA A 49 -9.32 2.89 -21.57
N GLN A 50 -9.38 3.36 -20.33
CA GLN A 50 -8.18 3.86 -19.67
C GLN A 50 -7.25 2.74 -19.25
N LEU A 51 -7.83 1.64 -18.76
CA LEU A 51 -7.05 0.45 -18.42
C LEU A 51 -6.30 -0.07 -19.64
N GLU A 52 -7.01 -0.14 -20.77
CA GLU A 52 -6.45 -0.69 -21.99
C GLU A 52 -5.33 0.21 -22.53
N LYS A 53 -5.56 1.52 -22.48
CA LYS A 53 -4.55 2.47 -22.92
C LYS A 53 -3.28 2.37 -22.09
N ALA A 54 -3.46 2.23 -20.77
CA ALA A 54 -2.34 2.13 -19.85
C ALA A 54 -1.67 0.75 -19.93
N GLY A 55 -2.43 -0.24 -20.38
CA GLY A 55 -1.92 -1.59 -20.50
C GLY A 55 -1.61 -2.28 -19.18
N VAL A 56 -2.38 -1.98 -18.15
CA VAL A 56 -2.12 -2.56 -16.82
C VAL A 56 -3.22 -3.52 -16.38
N GLU A 57 -3.80 -4.23 -17.36
CA GLU A 57 -4.82 -5.21 -17.05
C GLU A 57 -4.34 -6.28 -16.05
N HIS A 58 -3.03 -6.59 -16.06
CA HIS A 58 -2.50 -7.62 -15.18
C HIS A 58 -2.56 -7.19 -13.71
N GLN A 59 -2.48 -5.88 -13.47
CA GLN A 59 -2.58 -5.35 -12.11
C GLN A 59 -3.98 -5.58 -11.55
N LEU A 60 -4.99 -5.34 -12.38
CA LEU A 60 -6.37 -5.59 -11.98
C LEU A 60 -6.64 -7.08 -11.76
N ARG A 61 -6.09 -7.92 -12.64
CA ARG A 61 -6.25 -9.36 -12.50
C ARG A 61 -5.64 -9.83 -11.17
N ARG A 62 -4.43 -9.39 -10.87
CA ARG A 62 -3.77 -9.72 -9.61
C ARG A 62 -4.55 -9.22 -8.41
N GLU A 63 -5.01 -7.98 -8.49
CA GLU A 63 -5.77 -7.37 -7.41
C GLU A 63 -6.95 -8.26 -7.02
N VAL A 64 -7.72 -8.67 -8.02
CA VAL A 64 -8.92 -9.45 -7.79
C VAL A 64 -8.62 -10.86 -7.28
N GLU A 65 -7.70 -11.56 -7.94
CA GLU A 65 -7.47 -12.95 -7.56
C GLU A 65 -6.80 -13.06 -6.19
N ILE A 66 -5.94 -12.09 -5.86
CA ILE A 66 -5.25 -12.12 -4.59
C ILE A 66 -6.12 -11.62 -3.43
N GLN A 67 -6.78 -10.47 -3.61
CA GLN A 67 -7.51 -9.88 -2.49
C GLN A 67 -8.77 -10.66 -2.14
N SER A 68 -9.41 -11.30 -3.12
CA SER A 68 -10.61 -12.08 -2.81
C SER A 68 -10.27 -13.32 -1.99
N HIS A 69 -9.00 -13.71 -2.02
CA HIS A 69 -8.48 -14.85 -1.28
C HIS A 69 -8.25 -14.56 0.21
N LEU A 70 -8.00 -13.30 0.53
CA LEU A 70 -7.57 -12.92 1.87
C LEU A 70 -8.74 -12.68 2.82
N ARG A 71 -8.64 -13.24 4.03
CA ARG A 71 -9.64 -13.04 5.07
C ARG A 71 -8.99 -12.67 6.39
N HIS A 72 -8.92 -11.38 6.70
CA HIS A 72 -8.26 -10.89 7.90
C HIS A 72 -8.87 -9.57 8.31
N PRO A 73 -9.03 -9.34 9.64
CA PRO A 73 -9.68 -8.14 10.15
C PRO A 73 -9.00 -6.83 9.73
N ASN A 74 -7.71 -6.90 9.39
CA ASN A 74 -6.96 -5.71 9.02
C ASN A 74 -6.62 -5.68 7.54
N ILE A 75 -7.38 -6.45 6.76
CA ILE A 75 -7.25 -6.42 5.31
C ILE A 75 -8.62 -6.17 4.71
N LEU A 76 -8.75 -5.16 3.85
CA LEU A 76 -10.04 -4.84 3.24
C LEU A 76 -10.57 -6.00 2.41
N ARG A 77 -11.83 -6.39 2.64
CA ARG A 77 -12.44 -7.46 1.86
C ARG A 77 -12.83 -7.06 0.45
N LEU A 78 -12.61 -7.96 -0.49
CA LEU A 78 -13.15 -7.84 -1.84
C LEU A 78 -14.20 -8.92 -2.01
N TYR A 79 -15.45 -8.53 -2.19
CA TYR A 79 -16.58 -9.46 -2.21
C TYR A 79 -16.89 -10.05 -3.57
N GLY A 80 -16.58 -9.30 -4.61
CA GLY A 80 -16.89 -9.74 -5.96
C GLY A 80 -16.57 -8.65 -6.96
N TYR A 81 -16.99 -8.89 -8.20
CA TYR A 81 -16.68 -8.00 -9.30
C TYR A 81 -17.66 -8.22 -10.43
N PHE A 82 -17.76 -7.25 -11.32
CA PHE A 82 -18.52 -7.40 -12.57
C PHE A 82 -18.08 -6.31 -13.53
N HIS A 83 -18.61 -6.35 -14.75
CA HIS A 83 -18.29 -5.32 -15.72
C HIS A 83 -19.45 -5.05 -16.66
N ASP A 84 -19.44 -3.88 -17.29
CA ASP A 84 -20.37 -3.61 -18.38
C ASP A 84 -19.59 -3.13 -19.59
N ALA A 85 -20.27 -2.44 -20.50
CA ALA A 85 -19.66 -2.04 -21.76
C ALA A 85 -18.39 -1.22 -21.58
N THR A 86 -18.37 -0.36 -20.56
CA THR A 86 -17.30 0.62 -20.45
C THR A 86 -16.51 0.55 -19.14
N ARG A 87 -17.01 -0.19 -18.16
CA ARG A 87 -16.42 -0.15 -16.81
C ARG A 87 -16.27 -1.53 -16.17
N VAL A 88 -15.25 -1.65 -15.32
CA VAL A 88 -15.10 -2.79 -14.43
C VAL A 88 -15.45 -2.30 -13.03
N TYR A 89 -16.14 -3.12 -12.26
CA TYR A 89 -16.53 -2.76 -10.90
C TYR A 89 -16.01 -3.77 -9.89
N LEU A 90 -15.31 -3.27 -8.86
CA LEU A 90 -14.92 -4.13 -7.74
C LEU A 90 -15.80 -3.82 -6.54
N ILE A 91 -16.38 -4.87 -5.95
CA ILE A 91 -17.23 -4.74 -4.79
C ILE A 91 -16.42 -4.92 -3.51
N LEU A 92 -16.26 -3.83 -2.76
CA LEU A 92 -15.36 -3.82 -1.61
C LEU A 92 -16.09 -3.59 -0.30
N GLU A 93 -15.49 -4.09 0.77
CA GLU A 93 -15.86 -3.65 2.11
C GLU A 93 -15.74 -2.12 2.21
N TYR A 94 -16.73 -1.48 2.81
CA TYR A 94 -16.70 -0.03 3.01
C TYR A 94 -15.91 0.32 4.28
N ALA A 95 -14.96 1.23 4.14
CA ALA A 95 -14.17 1.71 5.28
C ALA A 95 -14.64 3.12 5.66
N PRO A 96 -15.49 3.22 6.69
CA PRO A 96 -16.18 4.47 6.99
C PRO A 96 -15.30 5.64 7.42
N LEU A 97 -14.17 5.38 8.06
CA LEU A 97 -13.38 6.48 8.62
C LEU A 97 -12.26 6.95 7.68
N GLY A 98 -12.29 6.49 6.44
CA GLY A 98 -11.46 7.04 5.38
C GLY A 98 -10.01 6.58 5.39
N THR A 99 -9.12 7.37 4.81
CA THR A 99 -7.71 6.97 4.73
C THR A 99 -6.87 7.47 5.88
N VAL A 100 -5.80 6.74 6.16
CA VAL A 100 -4.79 7.18 7.11
C VAL A 100 -4.13 8.45 6.59
N TYR A 101 -4.01 8.56 5.27
CA TYR A 101 -3.49 9.76 4.61
C TYR A 101 -4.24 11.02 5.06
N ARG A 102 -5.56 10.96 5.02
CA ARG A 102 -6.38 12.11 5.38
C ARG A 102 -6.23 12.41 6.87
N GLU A 103 -6.16 11.35 7.67
CA GLU A 103 -5.98 11.48 9.11
C GLU A 103 -4.64 12.16 9.44
N LEU A 104 -3.60 11.80 8.70
CA LEU A 104 -2.30 12.42 8.90
C LEU A 104 -2.33 13.88 8.46
N GLN A 105 -3.08 14.18 7.41
CA GLN A 105 -3.25 15.56 6.95
C GLN A 105 -3.86 16.42 8.04
N LYS A 106 -4.83 15.86 8.74
CA LYS A 106 -5.59 16.66 9.72
C LYS A 106 -4.87 16.78 11.05
N LEU A 107 -4.07 15.78 11.41
CA LEU A 107 -3.36 15.80 12.70
C LEU A 107 -1.90 16.22 12.60
N SER A 108 -1.38 16.30 11.37
CA SER A 108 0.03 16.59 11.05
C SER A 108 0.99 15.45 11.45
N LYS A 109 0.94 15.04 12.72
CA LYS A 109 1.72 13.90 13.22
C LYS A 109 0.86 13.07 14.14
N PHE A 110 1.20 11.79 14.30
CA PHE A 110 0.53 10.90 15.25
C PHE A 110 1.36 10.77 16.52
N ASP A 111 0.70 10.63 17.67
CA ASP A 111 1.46 10.34 18.89
C ASP A 111 1.91 8.89 18.90
N GLU A 112 2.69 8.50 19.90
CA GLU A 112 3.30 7.17 19.90
C GLU A 112 2.29 6.04 20.08
N GLN A 113 1.21 6.28 20.83
CA GLN A 113 0.20 5.26 21.02
C GLN A 113 -0.53 4.93 19.72
N ARG A 114 -0.94 5.97 19.01
CA ARG A 114 -1.66 5.81 17.75
C ARG A 114 -0.76 5.15 16.72
N THR A 115 0.49 5.59 16.68
CA THR A 115 1.47 5.05 15.73
C THR A 115 1.74 3.59 16.01
N ALA A 116 2.02 3.24 17.27
CA ALA A 116 2.31 1.86 17.61
C ALA A 116 1.12 0.95 17.36
N THR A 117 -0.09 1.46 17.56
CA THR A 117 -1.30 0.69 17.32
C THR A 117 -1.47 0.40 15.83
N TYR A 118 -1.31 1.42 15.00
CA TYR A 118 -1.34 1.22 13.55
C TYR A 118 -0.27 0.23 13.09
N ILE A 119 0.94 0.35 13.62
CA ILE A 119 2.03 -0.54 13.19
C ILE A 119 1.73 -1.98 13.60
N THR A 120 1.14 -2.15 14.78
CA THR A 120 0.71 -3.47 15.20
C THR A 120 -0.29 -4.07 14.23
N GLU A 121 -1.27 -3.27 13.84
CA GLU A 121 -2.33 -3.75 12.95
C GLU A 121 -1.77 -4.03 11.54
N LEU A 122 -0.87 -3.17 11.07
CA LEU A 122 -0.16 -3.42 9.82
C LEU A 122 0.67 -4.70 9.88
N ALA A 123 1.40 -4.88 10.97
CA ALA A 123 2.24 -6.07 11.09
C ALA A 123 1.41 -7.35 11.15
N ASN A 124 0.25 -7.29 11.81
CA ASN A 124 -0.66 -8.44 11.80
C ASN A 124 -1.18 -8.76 10.40
N ALA A 125 -1.58 -7.71 9.67
CA ALA A 125 -2.09 -7.90 8.31
C ALA A 125 -1.01 -8.45 7.40
N LEU A 126 0.20 -7.90 7.49
CA LEU A 126 1.29 -8.35 6.64
C LEU A 126 1.76 -9.75 7.01
N SER A 127 1.64 -10.09 8.28
CA SER A 127 2.01 -11.43 8.73
C SER A 127 1.10 -12.45 8.04
N TYR A 128 -0.18 -12.12 7.97
CA TYR A 128 -1.16 -12.98 7.30
C TYR A 128 -0.85 -13.06 5.80
N CYS A 129 -0.59 -11.91 5.18
CA CYS A 129 -0.25 -11.87 3.76
C CYS A 129 0.98 -12.72 3.45
N HIS A 130 2.03 -12.51 4.22
CA HIS A 130 3.30 -13.17 3.93
C HIS A 130 3.21 -14.68 4.20
N SER A 131 2.27 -15.10 5.05
CA SER A 131 2.07 -16.52 5.30
C SER A 131 1.43 -17.19 4.09
N LYS A 132 0.77 -16.39 3.26
CA LYS A 132 0.18 -16.88 2.02
C LYS A 132 1.07 -16.54 0.83
N ARG A 133 2.29 -16.11 1.14
CA ARG A 133 3.31 -15.73 0.17
C ARG A 133 2.83 -14.61 -0.76
N VAL A 134 2.05 -13.70 -0.19
CA VAL A 134 1.59 -12.51 -0.91
C VAL A 134 2.40 -11.31 -0.48
N ILE A 135 2.87 -10.52 -1.43
CA ILE A 135 3.62 -9.29 -1.13
C ILE A 135 2.76 -8.12 -1.61
N HIS A 136 2.56 -7.09 -0.78
CA HIS A 136 1.66 -6.01 -1.17
C HIS A 136 2.35 -4.97 -2.07
N ARG A 137 3.51 -4.50 -1.63
CA ARG A 137 4.40 -3.60 -2.38
C ARG A 137 3.91 -2.16 -2.56
N ASP A 138 2.79 -1.80 -1.94
CA ASP A 138 2.33 -0.42 -2.07
C ASP A 138 1.55 0.04 -0.81
N ILE A 139 2.08 -0.01 0.40
N ILE A 139 2.06 -0.26 0.35
CA ILE A 139 1.26 0.14 1.60
CA ILE A 139 1.43 0.21 1.55
C ILE A 139 1.33 1.57 2.14
C ILE A 139 1.91 1.62 1.83
N LYS A 140 1.17 2.53 1.25
CA LYS A 140 1.30 3.94 1.57
C LYS A 140 -0.01 4.43 2.22
N PRO A 141 0.01 5.58 2.90
CA PRO A 141 -1.15 6.02 3.68
C PRO A 141 -2.47 6.12 2.90
N GLU A 142 -2.43 6.45 1.60
CA GLU A 142 -3.70 6.54 0.87
C GLU A 142 -4.30 5.16 0.55
N ASN A 143 -3.56 4.09 0.82
CA ASN A 143 -4.06 2.73 0.63
C ASN A 143 -4.31 2.04 1.97
N LEU A 144 -4.24 2.81 3.05
CA LEU A 144 -4.53 2.29 4.37
C LEU A 144 -5.84 2.92 4.81
N LEU A 145 -6.86 2.09 5.01
CA LEU A 145 -8.19 2.60 5.29
C LEU A 145 -8.54 2.34 6.74
N LEU A 146 -9.59 2.99 7.22
CA LEU A 146 -9.96 2.87 8.63
C LEU A 146 -11.40 2.40 8.80
N GLY A 147 -11.58 1.36 9.60
CA GLY A 147 -12.88 0.77 9.85
C GLY A 147 -13.70 1.60 10.82
N SER A 148 -14.90 1.13 11.14
CA SER A 148 -15.81 1.89 11.98
C SER A 148 -15.27 2.14 13.38
N ALA A 149 -14.39 1.26 13.85
CA ALA A 149 -13.77 1.41 15.16
C ALA A 149 -12.37 2.00 15.05
N GLY A 150 -12.06 2.57 13.88
CA GLY A 150 -10.78 3.19 13.64
C GLY A 150 -9.65 2.20 13.46
N GLU A 151 -9.98 0.94 13.19
CA GLU A 151 -8.95 -0.07 12.97
C GLU A 151 -8.42 0.03 11.54
N LEU A 152 -7.11 -0.15 11.40
CA LEU A 152 -6.46 -0.02 10.10
C LEU A 152 -6.76 -1.22 9.21
N LYS A 153 -6.98 -0.96 7.93
CA LYS A 153 -7.19 -2.04 6.96
C LYS A 153 -6.34 -1.77 5.72
N ILE A 154 -5.54 -2.76 5.34
CA ILE A 154 -4.75 -2.63 4.11
C ILE A 154 -5.63 -2.83 2.89
N ALA A 155 -5.52 -1.94 1.92
CA ALA A 155 -6.30 -2.02 0.69
C ALA A 155 -5.42 -1.83 -0.54
N ASP A 156 -6.06 -1.69 -1.70
CA ASP A 156 -5.34 -1.51 -2.95
C ASP A 156 -4.26 -2.53 -3.28
N PHE A 157 -4.68 -3.72 -3.71
CA PHE A 157 -3.74 -4.78 -4.03
C PHE A 157 -3.27 -4.84 -5.49
N GLY A 158 -3.51 -3.76 -6.23
CA GLY A 158 -3.09 -3.68 -7.62
C GLY A 158 -1.59 -3.83 -7.88
N TRP A 159 -0.76 -3.59 -6.88
CA TRP A 159 0.67 -3.83 -7.05
C TRP A 159 1.11 -5.14 -6.40
N SER A 160 0.17 -5.92 -5.88
CA SER A 160 0.54 -7.13 -5.15
C SER A 160 0.90 -8.29 -6.06
N VAL A 161 1.58 -9.28 -5.50
CA VAL A 161 1.94 -10.49 -6.24
C VAL A 161 1.90 -11.69 -5.30
N HIS A 162 1.61 -12.86 -5.87
CA HIS A 162 1.77 -14.12 -5.14
C HIS A 162 3.11 -14.70 -5.58
N ALA A 163 4.05 -14.79 -4.64
CA ALA A 163 5.42 -15.17 -4.99
C ALA A 163 5.91 -16.30 -4.10
N PRO A 164 5.35 -17.51 -4.28
CA PRO A 164 5.68 -18.60 -3.36
C PRO A 164 7.06 -19.21 -3.58
N SER A 165 7.61 -19.13 -4.79
CA SER A 165 8.82 -19.89 -5.10
C SER A 165 10.00 -19.05 -5.62
N SER A 166 9.70 -17.87 -6.14
CA SER A 166 10.73 -17.07 -6.81
C SER A 166 10.65 -15.60 -6.42
N ARG A 167 11.78 -14.89 -6.51
CA ARG A 167 11.78 -13.45 -6.24
C ARG A 167 11.26 -12.70 -7.47
N ARG A 168 10.90 -11.43 -7.27
CA ARG A 168 10.31 -10.62 -8.32
C ARG A 168 11.28 -9.57 -8.83
N THR A 169 11.05 -9.05 -10.04
CA THR A 169 11.87 -7.96 -10.55
C THR A 169 11.08 -6.74 -11.04
N LEU A 171 9.27 -3.24 -11.58
CA LEU A 171 9.25 -1.85 -11.11
C LEU A 171 7.84 -1.50 -10.67
N ALA A 172 7.66 -1.33 -9.37
CA ALA A 172 6.31 -1.22 -8.82
C ALA A 172 6.19 -0.06 -7.84
N GLY A 173 4.99 0.11 -7.29
CA GLY A 173 4.80 0.94 -6.12
C GLY A 173 5.04 2.42 -6.26
N THR A 174 5.35 3.04 -5.13
CA THR A 174 5.40 4.49 -4.99
C THR A 174 6.74 4.87 -4.36
N LEU A 175 7.53 5.68 -5.07
CA LEU A 175 8.95 5.87 -4.73
C LEU A 175 9.26 6.08 -3.26
N ASP A 176 8.52 6.97 -2.59
CA ASP A 176 8.86 7.32 -1.22
C ASP A 176 8.81 6.14 -0.25
N TYR A 177 8.10 5.08 -0.63
CA TYR A 177 7.87 3.93 0.26
C TYR A 177 8.67 2.69 -0.15
N LEU A 178 9.42 2.80 -1.25
CA LEU A 178 10.14 1.65 -1.83
C LEU A 178 11.56 1.47 -1.31
N PRO A 179 11.98 0.21 -1.11
CA PRO A 179 13.35 -0.10 -0.68
C PRO A 179 14.35 -0.03 -1.83
N PRO A 180 15.65 0.02 -1.52
CA PRO A 180 16.68 0.10 -2.56
C PRO A 180 16.59 -0.98 -3.62
N GLU A 181 16.27 -2.21 -3.24
CA GLU A 181 16.23 -3.28 -4.23
C GLU A 181 15.10 -3.10 -5.24
N MET A 182 14.01 -2.45 -4.83
N MET A 182 14.01 -2.46 -4.80
CA MET A 182 12.89 -2.21 -5.76
CA MET A 182 12.89 -2.16 -5.67
C MET A 182 13.12 -1.03 -6.69
C MET A 182 13.22 -1.09 -6.68
N ILE A 183 13.68 0.06 -6.19
CA ILE A 183 13.91 1.22 -7.05
C ILE A 183 15.02 0.95 -8.05
N GLU A 184 15.91 0.02 -7.72
CA GLU A 184 17.02 -0.32 -8.60
C GLU A 184 16.66 -1.46 -9.54
N GLY A 185 15.42 -1.94 -9.44
CA GLY A 185 14.93 -2.98 -10.33
C GLY A 185 15.64 -4.31 -10.14
N ARG A 186 16.13 -4.52 -8.93
CA ARG A 186 16.79 -5.77 -8.57
C ARG A 186 15.76 -6.79 -8.06
N MET A 187 16.20 -8.02 -7.82
CA MET A 187 15.29 -9.04 -7.32
C MET A 187 14.82 -8.70 -5.90
N HIS A 188 13.54 -8.92 -5.63
CA HIS A 188 12.99 -8.57 -4.33
C HIS A 188 11.98 -9.61 -3.84
N ASP A 189 11.71 -9.58 -2.54
CA ASP A 189 10.81 -10.54 -1.92
C ASP A 189 9.94 -9.84 -0.88
N GLU A 190 9.40 -10.61 0.07
CA GLU A 190 8.44 -10.05 1.02
C GLU A 190 9.05 -8.99 1.95
N LYS A 191 10.39 -8.96 2.01
CA LYS A 191 11.09 -7.99 2.85
C LYS A 191 10.87 -6.56 2.39
N VAL A 192 10.37 -6.37 1.16
CA VAL A 192 10.07 -5.01 0.72
C VAL A 192 8.99 -4.38 1.60
N ASP A 193 8.02 -5.17 2.05
CA ASP A 193 6.93 -4.64 2.87
C ASP A 193 7.45 -4.24 4.26
N LEU A 194 8.54 -4.86 4.71
CA LEU A 194 9.14 -4.50 5.99
C LEU A 194 9.80 -3.13 5.90
N TRP A 195 10.48 -2.86 4.79
CA TRP A 195 11.05 -1.52 4.56
C TRP A 195 9.94 -0.47 4.56
N SER A 196 8.85 -0.74 3.84
CA SER A 196 7.75 0.22 3.78
C SER A 196 7.15 0.46 5.16
N LEU A 197 7.12 -0.59 5.98
CA LEU A 197 6.64 -0.46 7.35
C LEU A 197 7.49 0.54 8.14
N GLY A 198 8.80 0.52 7.92
CA GLY A 198 9.70 1.49 8.54
C GLY A 198 9.44 2.91 8.06
N VAL A 199 9.21 3.06 6.76
CA VAL A 199 8.88 4.36 6.21
C VAL A 199 7.59 4.90 6.85
N LEU A 200 6.58 4.05 6.96
CA LEU A 200 5.32 4.43 7.57
C LEU A 200 5.48 4.82 9.04
N CYS A 201 6.24 4.03 9.79
CA CYS A 201 6.42 4.34 11.20
C CYS A 201 7.05 5.73 11.37
N TYR A 202 8.06 6.02 10.55
CA TYR A 202 8.68 7.34 10.54
C TYR A 202 7.70 8.43 10.14
N GLU A 203 6.98 8.23 9.03
CA GLU A 203 6.04 9.24 8.54
C GLU A 203 4.94 9.51 9.55
N PHE A 204 4.46 8.47 10.23
CA PHE A 204 3.43 8.61 11.27
C PHE A 204 3.90 9.50 12.41
N LEU A 205 5.15 9.31 12.82
CA LEU A 205 5.68 10.08 13.95
C LEU A 205 6.14 11.47 13.58
N VAL A 206 6.64 11.64 12.36
CA VAL A 206 7.28 12.89 11.97
C VAL A 206 6.38 13.76 11.09
N GLY A 207 5.54 13.12 10.29
CA GLY A 207 4.60 13.83 9.45
C GLY A 207 5.00 13.86 7.98
N LYS A 208 6.20 13.38 7.69
CA LYS A 208 6.68 13.28 6.32
C LYS A 208 7.53 12.02 6.21
N PRO A 209 7.58 11.40 5.03
CA PRO A 209 8.44 10.21 4.92
C PRO A 209 9.91 10.59 4.95
N PRO A 210 10.77 9.63 5.34
CA PRO A 210 12.16 9.96 5.66
C PRO A 210 13.04 10.37 4.48
N PHE A 211 12.70 10.00 3.25
CA PHE A 211 13.59 10.28 2.13
C PHE A 211 13.04 11.36 1.20
N GLU A 212 12.06 12.11 1.70
CA GLU A 212 11.43 13.16 0.91
C GLU A 212 12.44 14.21 0.45
N ALA A 213 12.40 14.53 -0.84
CA ALA A 213 13.19 15.60 -1.40
C ALA A 213 12.37 16.25 -2.50
N ASN A 214 12.80 17.42 -2.94
N ASN A 214 12.76 17.42 -2.97
CA ASN A 214 12.04 18.17 -3.92
CA ASN A 214 11.92 18.12 -3.95
C ASN A 214 12.01 17.48 -5.28
C ASN A 214 12.14 17.64 -5.39
N THR A 215 13.07 16.71 -5.59
CA THR A 215 13.15 16.04 -6.89
C THR A 215 13.05 14.54 -6.69
N TYR A 216 12.51 13.85 -7.70
CA TYR A 216 12.45 12.40 -7.68
C TYR A 216 13.87 11.83 -7.74
N GLN A 217 14.74 12.46 -8.52
CA GLN A 217 16.13 12.01 -8.63
C GLN A 217 16.80 11.99 -7.27
N GLU A 218 16.59 13.05 -6.48
CA GLU A 218 17.25 13.12 -5.18
C GLU A 218 16.66 12.09 -4.21
N THR A 219 15.34 11.91 -4.25
CA THR A 219 14.69 10.94 -3.37
C THR A 219 15.23 9.54 -3.68
N TYR A 220 15.35 9.24 -4.97
CA TYR A 220 15.92 7.98 -5.45
C TYR A 220 17.30 7.76 -4.83
N LYS A 221 18.16 8.77 -4.93
CA LYS A 221 19.51 8.67 -4.37
C LYS A 221 19.51 8.47 -2.86
N ARG A 222 18.65 9.20 -2.16
CA ARG A 222 18.59 9.09 -0.70
C ARG A 222 18.15 7.71 -0.27
N ILE A 223 17.19 7.14 -0.99
CA ILE A 223 16.74 5.79 -0.67
C ILE A 223 17.90 4.81 -0.86
N SER A 224 18.57 4.94 -2.00
CA SER A 224 19.62 3.98 -2.37
C SER A 224 20.79 4.02 -1.40
N ARG A 225 21.00 5.16 -0.76
CA ARG A 225 22.09 5.34 0.15
C ARG A 225 21.64 5.39 1.61
N VAL A 226 20.39 5.06 1.83
CA VAL A 226 19.75 5.10 3.15
C VAL A 226 20.13 6.37 3.92
N GLU A 227 19.80 7.50 3.30
CA GLU A 227 20.12 8.81 3.85
C GLU A 227 18.90 9.45 4.49
N PHE A 228 18.77 9.31 5.80
CA PHE A 228 17.72 9.99 6.54
C PHE A 228 18.21 10.30 7.94
N THR A 229 17.55 11.24 8.61
CA THR A 229 17.90 11.59 9.98
C THR A 229 16.63 11.68 10.83
N PHE A 230 16.80 11.66 12.15
CA PHE A 230 15.66 11.74 13.07
C PHE A 230 15.52 13.12 13.68
N PRO A 231 14.30 13.68 13.66
CA PRO A 231 14.04 14.87 14.48
C PRO A 231 14.23 14.57 15.97
N ASP A 232 14.45 15.61 16.77
CA ASP A 232 14.82 15.42 18.17
C ASP A 232 13.72 14.75 19.00
N PHE A 233 12.47 14.91 18.58
CA PHE A 233 11.35 14.41 19.38
C PHE A 233 11.07 12.91 19.18
N VAL A 234 11.71 12.28 18.21
CA VAL A 234 11.53 10.84 18.04
C VAL A 234 12.31 10.10 19.13
N THR A 235 11.61 9.27 19.88
CA THR A 235 12.19 8.63 21.06
C THR A 235 13.11 7.45 20.73
N GLU A 236 13.89 7.04 21.72
CA GLU A 236 14.89 5.98 21.54
C GLU A 236 14.31 4.69 21.00
N GLY A 237 13.15 4.29 21.53
CA GLY A 237 12.51 3.05 21.12
C GLY A 237 12.06 3.11 19.68
N ALA A 238 11.51 4.26 19.28
CA ALA A 238 11.03 4.44 17.91
C ALA A 238 12.21 4.48 16.94
N ARG A 239 13.29 5.17 17.32
CA ARG A 239 14.50 5.17 16.51
C ARG A 239 15.04 3.77 16.28
N ASP A 240 15.02 2.96 17.33
CA ASP A 240 15.52 1.59 17.23
C ASP A 240 14.71 0.78 16.21
N LEU A 241 13.39 0.84 16.33
CA LEU A 241 12.51 0.08 15.42
C LEU A 241 12.70 0.55 13.98
N ILE A 242 12.63 1.85 13.76
CA ILE A 242 12.74 2.39 12.40
C ILE A 242 14.10 2.06 11.77
N SER A 243 15.17 2.22 12.55
CA SER A 243 16.51 1.93 12.03
C SER A 243 16.68 0.47 11.66
N ARG A 244 16.01 -0.42 12.40
CA ARG A 244 16.09 -1.85 12.09
C ARG A 244 15.30 -2.17 10.83
N LEU A 245 14.20 -1.46 10.61
CA LEU A 245 13.38 -1.73 9.43
C LEU A 245 13.99 -1.14 8.16
N LEU A 246 14.67 0.00 8.29
CA LEU A 246 15.25 0.66 7.12
C LEU A 246 16.71 0.26 6.89
N LYS A 247 16.92 -1.03 6.75
CA LYS A 247 18.24 -1.58 6.43
C LYS A 247 18.35 -1.81 4.95
N HIS A 248 19.47 -1.39 4.35
CA HIS A 248 19.69 -1.61 2.94
C HIS A 248 19.60 -3.11 2.59
N ASN A 249 20.27 -3.93 3.38
CA ASN A 249 20.20 -5.37 3.18
C ASN A 249 18.87 -5.95 3.67
N PRO A 250 18.05 -6.48 2.73
CA PRO A 250 16.72 -6.96 3.08
C PRO A 250 16.74 -8.01 4.18
N SER A 251 17.79 -8.83 4.18
CA SER A 251 17.86 -9.93 5.14
C SER A 251 18.20 -9.46 6.55
N GLN A 252 18.62 -8.20 6.68
CA GLN A 252 18.89 -7.63 7.99
C GLN A 252 17.66 -6.97 8.61
N ARG A 253 16.59 -6.87 7.83
CA ARG A 253 15.33 -6.37 8.37
C ARG A 253 14.68 -7.44 9.25
N PRO A 254 13.98 -7.01 10.32
CA PRO A 254 13.41 -7.97 11.28
C PRO A 254 12.22 -8.73 10.72
N MET A 255 11.94 -9.89 11.31
CA MET A 255 10.72 -10.61 11.04
C MET A 255 9.55 -9.81 11.63
N LEU A 256 8.36 -10.01 11.09
CA LEU A 256 7.20 -9.30 11.61
C LEU A 256 6.94 -9.67 13.07
N ARG A 257 7.31 -10.89 13.46
CA ARG A 257 7.16 -11.29 14.86
C ARG A 257 8.00 -10.40 15.77
N GLU A 258 9.18 -10.02 15.29
CA GLU A 258 10.07 -9.14 16.04
C GLU A 258 9.50 -7.73 16.16
N VAL A 259 8.76 -7.30 15.15
CA VAL A 259 8.12 -5.99 15.20
C VAL A 259 7.00 -6.00 16.23
N LEU A 260 6.21 -7.08 16.21
CA LEU A 260 5.06 -7.19 17.10
C LEU A 260 5.48 -7.30 18.56
N GLU A 261 6.69 -7.80 18.79
CA GLU A 261 7.21 -7.99 20.14
C GLU A 261 8.22 -6.93 20.57
N HIS A 262 8.49 -5.98 19.69
CA HIS A 262 9.43 -4.89 19.98
C HIS A 262 8.95 -4.10 21.21
N PRO A 263 9.87 -3.79 22.13
CA PRO A 263 9.50 -3.14 23.40
C PRO A 263 8.80 -1.80 23.22
N TRP A 264 9.18 -1.03 22.21
CA TRP A 264 8.50 0.24 21.95
C TRP A 264 7.07 0.00 21.50
N ILE A 265 6.85 -1.05 20.70
CA ILE A 265 5.51 -1.40 20.24
C ILE A 265 4.62 -1.89 21.39
N THR A 266 5.12 -2.81 22.20
CA THR A 266 4.30 -3.38 23.27
C THR A 266 4.03 -2.35 24.35
N ALA A 267 4.97 -1.43 24.56
CA ALA A 267 4.79 -0.38 25.56
C ALA A 267 3.74 0.64 25.15
N ASN A 268 3.52 0.81 23.86
CA ASN A 268 2.68 1.91 23.39
C ASN A 268 1.39 1.51 22.65
N SER A 269 1.34 0.30 22.11
CA SER A 269 0.17 -0.12 21.35
C SER A 269 -1.01 -0.41 22.26
N SER A 270 -2.20 0.00 21.83
CA SER A 270 -3.42 -0.28 22.57
C SER A 270 -4.04 -1.58 22.07
N LYS A 271 -3.32 -2.29 21.20
CA LYS A 271 -3.80 -3.51 20.59
C LYS A 271 -2.88 -4.69 20.90
N LEU B 35 -4.76 -19.85 -5.56
CA LEU B 35 -3.91 -18.76 -6.01
C LEU B 35 -2.79 -19.33 -6.83
N SER B 36 -2.57 -18.82 -8.01
CA SER B 36 -1.43 -19.30 -8.78
C SER B 36 -0.26 -18.33 -8.60
N PRO B 37 0.99 -18.84 -8.72
CA PRO B 37 2.13 -17.91 -8.74
C PRO B 37 1.93 -16.84 -9.82
N SER B 38 2.15 -15.58 -9.47
CA SER B 38 1.80 -14.49 -10.37
C SER B 38 2.71 -14.46 -11.60
N ARG B 39 2.11 -14.69 -12.78
CA ARG B 39 2.87 -14.58 -14.03
C ARG B 39 3.40 -13.16 -14.18
N GLY B 40 4.61 -13.04 -14.73
CA GLY B 40 5.16 -11.74 -15.04
C GLY B 40 4.41 -11.09 -16.20
N PHE B 41 4.93 -9.97 -16.69
CA PHE B 41 4.31 -9.30 -17.82
C PHE B 41 5.38 -8.64 -18.69
N ALA B 42 4.95 -8.00 -19.77
CA ALA B 42 5.87 -7.29 -20.65
C ALA B 42 5.99 -5.83 -20.19
N GLU B 43 7.02 -5.56 -19.40
CA GLU B 43 7.15 -4.30 -18.67
C GLU B 43 7.14 -3.05 -19.54
N HIS B 44 7.72 -3.13 -20.73
CA HIS B 44 7.84 -1.95 -21.59
C HIS B 44 6.66 -1.80 -22.54
N SER B 45 5.69 -2.70 -22.43
CA SER B 45 4.48 -2.63 -23.25
C SER B 45 3.38 -1.86 -22.53
N SER B 46 3.67 -1.40 -21.32
CA SER B 46 2.66 -0.69 -20.55
C SER B 46 3.21 0.48 -19.75
N GLU B 47 2.30 1.26 -19.17
CA GLU B 47 2.64 2.46 -18.42
C GLU B 47 3.35 2.11 -17.11
N PRO B 48 4.54 2.69 -16.90
CA PRO B 48 5.31 2.41 -15.68
C PRO B 48 4.72 3.17 -14.49
N PRO B 49 5.17 2.88 -13.26
CA PRO B 49 4.70 3.68 -12.14
C PRO B 49 5.02 5.16 -12.40
N SER B 50 4.21 6.06 -11.85
CA SER B 50 4.38 7.48 -12.16
C SER B 50 5.75 8.01 -11.78
N TRP B 51 6.37 7.44 -10.75
CA TRP B 51 7.67 7.97 -10.32
C TRP B 51 8.74 7.73 -11.40
N VAL B 52 8.56 6.68 -12.20
CA VAL B 52 9.50 6.42 -13.28
C VAL B 52 9.36 7.49 -14.35
N THR B 53 8.12 7.82 -14.69
CA THR B 53 7.80 8.86 -15.65
C THR B 53 8.32 10.22 -15.19
N GLU B 54 8.19 10.50 -13.90
CA GLU B 54 8.69 11.77 -13.37
C GLU B 54 10.22 11.84 -13.40
N MET B 55 10.88 10.74 -13.05
CA MET B 55 12.35 10.72 -13.10
C MET B 55 12.84 10.92 -14.53
N LEU B 56 12.15 10.34 -15.49
CA LEU B 56 12.52 10.50 -16.88
C LEU B 56 12.34 11.95 -17.32
N LEU B 57 11.29 12.59 -16.84
CA LEU B 57 11.07 14.00 -17.15
C LEU B 57 12.20 14.87 -16.57
N GLU B 58 12.55 14.62 -15.31
CA GLU B 58 13.62 15.39 -14.68
C GLU B 58 14.92 15.22 -15.47
N ASN B 59 15.17 13.99 -15.92
CA ASN B 59 16.37 13.73 -16.69
C ASN B 59 16.37 14.49 -18.02
N GLU B 60 15.22 14.52 -18.68
CA GLU B 60 15.10 15.18 -19.98
C GLU B 60 15.06 16.71 -19.85
N LEU B 61 14.56 17.20 -18.71
CA LEU B 61 14.36 18.63 -18.54
C LEU B 61 15.63 19.35 -18.09
N TRP B 62 16.40 18.78 -17.18
CA TRP B 62 17.61 19.46 -16.72
C TRP B 62 18.82 18.55 -16.50
N GLY B 63 18.69 17.29 -16.91
CA GLY B 63 19.80 16.36 -16.78
C GLY B 63 19.77 15.53 -15.51
#